data_6OVM
#
_entry.id   6OVM
#
_cell.length_a   43.574
_cell.length_b   44.714
_cell.length_c   141.282
_cell.angle_alpha   90.00
_cell.angle_beta   90.00
_cell.angle_gamma   90.00
#
_symmetry.space_group_name_H-M   'P 21 21 21'
#
loop_
_entity.id
_entity.type
_entity.pdbx_description
1 polymer 'Siderophore-interacting protein'
2 polymer 'Ferric-pseudobactin BN7/BN8 receptor'
3 non-polymer 'L(+)-TARTARIC ACID'
4 water water
#
loop_
_entity_poly.entity_id
_entity_poly.type
_entity_poly.pdbx_seq_one_letter_code
_entity_poly.pdbx_strand_id
1 'polypeptide(L)'
;GA(MSE)GQDWRADYHSRIGEQRRLTLADGTQVQLNTDSALNVAFDQQARRLRLVRGE(MSE)LITRPALADSRPLWVDT
EHGRLESTLAQFNVRLHGQHTQATVYQGSVALQPALHAYPPILLGAGEQASFNQQGLLARQAVAAVAPAWSQG(MSE)LV
AQGQPLAAFIEDLARYRRGHLACDPALAGLRVSGTFPLENTDKIIAAVAETLQLEVQHFTRYWVTLKPR(MSE)A
;
R
2 'polypeptide(L)'
;GSAQADFDIPAGPLAPALAHFGQSAHILLSYPTALTEGRSTSGLAGRFDIDQGLAILLAGTGLEASRGANASYSLQASAS
TG
;
B
#
# COMPACT_ATOMS: atom_id res chain seq x y z
N ASP A 6 26.56 -13.36 -17.86
CA ASP A 6 25.65 -12.99 -16.78
C ASP A 6 25.10 -11.59 -17.02
N TRP A 7 24.49 -11.01 -15.99
CA TRP A 7 23.96 -9.65 -16.08
C TRP A 7 23.79 -9.06 -14.68
N ARG A 8 24.19 -7.79 -14.48
N ARG A 8 24.27 -7.84 -14.51
CA ARG A 8 24.46 -7.26 -13.13
CA ARG A 8 24.30 -7.23 -13.20
C ARG A 8 24.33 -5.73 -12.89
C ARG A 8 23.87 -5.79 -13.32
N ALA A 9 23.22 -5.29 -12.27
CA ALA A 9 22.87 -3.87 -12.18
C ALA A 9 22.45 -3.43 -10.77
N ASP A 10 22.67 -2.17 -10.44
CA ASP A 10 22.25 -1.59 -9.17
C ASP A 10 21.32 -0.43 -9.45
N TYR A 11 20.25 -0.33 -8.67
CA TYR A 11 19.25 0.71 -8.86
C TYR A 11 18.89 1.40 -7.56
N HIS A 12 18.60 2.69 -7.65
CA HIS A 12 18.03 3.38 -6.51
C HIS A 12 16.95 4.36 -6.95
N SER A 13 16.03 4.63 -6.02
CA SER A 13 15.03 5.66 -6.19
CA SER A 13 15.01 5.64 -6.19
C SER A 13 15.15 6.70 -5.09
N ARG A 14 14.92 7.96 -5.46
CA ARG A 14 14.98 9.08 -4.55
C ARG A 14 13.75 9.12 -3.64
N ILE A 15 13.82 9.94 -2.59
CA ILE A 15 12.63 10.14 -1.77
C ILE A 15 11.57 10.80 -2.65
N GLY A 16 10.40 10.17 -2.65
CA GLY A 16 9.25 10.60 -3.41
C GLY A 16 9.20 10.04 -4.82
N GLU A 17 10.19 9.23 -5.20
CA GLU A 17 10.30 8.71 -6.56
C GLU A 17 9.83 7.27 -6.68
N GLN A 18 9.09 6.98 -7.75
CA GLN A 18 8.80 5.62 -8.17
CA GLN A 18 8.79 5.63 -8.14
C GLN A 18 9.48 5.38 -9.49
N ARG A 19 10.02 4.18 -9.67
CA ARG A 19 10.76 3.84 -10.89
C ARG A 19 10.29 2.54 -11.45
N ARG A 20 10.20 2.46 -12.77
CA ARG A 20 9.91 1.20 -13.46
C ARG A 20 11.16 0.64 -14.13
N LEU A 21 11.46 -0.62 -13.85
CA LEU A 21 12.60 -1.33 -14.41
C LEU A 21 12.10 -2.53 -15.20
N THR A 22 12.80 -2.87 -16.27
CA THR A 22 12.56 -4.14 -16.93
C THR A 22 13.88 -4.87 -16.98
N LEU A 23 13.92 -5.98 -16.24
CA LEU A 23 15.12 -6.79 -16.11
C LEU A 23 15.39 -7.58 -17.40
N ALA A 24 16.60 -8.12 -17.52
CA ALA A 24 17.00 -8.76 -18.78
C ALA A 24 16.07 -9.88 -19.26
N ASP A 25 15.43 -10.57 -18.33
CA ASP A 25 14.53 -11.68 -18.63
C ASP A 25 13.13 -11.21 -18.98
N GLY A 26 12.89 -9.90 -18.88
CA GLY A 26 11.58 -9.35 -19.16
C GLY A 26 10.72 -9.15 -17.91
N THR A 27 11.20 -9.62 -16.77
CA THR A 27 10.49 -9.36 -15.53
C THR A 27 10.45 -7.87 -15.25
N GLN A 28 9.27 -7.38 -14.88
CA GLN A 28 9.10 -5.97 -14.53
C GLN A 28 9.20 -5.77 -13.03
N VAL A 29 9.92 -4.71 -12.64
CA VAL A 29 10.03 -4.31 -11.24
C VAL A 29 9.67 -2.85 -11.13
N GLN A 30 8.85 -2.51 -10.13
CA GLN A 30 8.68 -1.12 -9.75
CA GLN A 30 8.68 -1.13 -9.74
C GLN A 30 9.31 -0.89 -8.38
N LEU A 31 10.09 0.18 -8.26
CA LEU A 31 10.69 0.59 -7.01
C LEU A 31 9.85 1.74 -6.46
N ASN A 32 9.61 1.69 -5.17
CA ASN A 32 8.93 2.77 -4.49
C ASN A 32 9.94 3.77 -3.95
N THR A 33 9.41 4.81 -3.32
CA THR A 33 10.20 5.84 -2.67
C THR A 33 11.39 5.32 -1.87
N ASP A 34 12.52 6.00 -2.07
CA ASP A 34 13.71 5.82 -1.23
C ASP A 34 14.13 4.35 -1.09
N SER A 35 14.34 3.72 -2.24
CA SER A 35 14.60 2.29 -2.30
C SER A 35 15.91 2.02 -3.02
N ALA A 36 16.42 0.81 -2.82
CA ALA A 36 17.67 0.37 -3.45
C ALA A 36 17.63 -1.13 -3.70
N LEU A 37 17.91 -1.51 -4.94
CA LEU A 37 17.81 -2.87 -5.44
C LEU A 37 19.08 -3.22 -6.18
N ASN A 38 19.67 -4.37 -5.89
CA ASN A 38 20.76 -4.86 -6.68
C ASN A 38 20.31 -6.14 -7.37
N VAL A 39 20.65 -6.25 -8.64
CA VAL A 39 20.25 -7.41 -9.42
C VAL A 39 21.49 -8.13 -9.93
N ALA A 40 21.48 -9.46 -9.79
CA ALA A 40 22.57 -10.29 -10.25
C ALA A 40 22.05 -11.62 -10.79
N PHE A 41 21.88 -11.70 -12.10
CA PHE A 41 21.50 -12.93 -12.75
C PHE A 41 22.75 -13.78 -12.96
N ASP A 42 22.73 -15.03 -12.52
CA ASP A 42 23.81 -15.97 -12.79
C ASP A 42 23.20 -17.28 -13.27
N GLN A 43 24.03 -18.30 -13.45
CA GLN A 43 23.57 -19.60 -13.93
C GLN A 43 22.53 -20.28 -13.03
N GLN A 44 22.67 -20.07 -11.73
CA GLN A 44 21.79 -20.70 -10.74
CA GLN A 44 21.79 -20.67 -10.72
C GLN A 44 20.43 -20.02 -10.69
N ALA A 45 20.45 -18.70 -10.61
CA ALA A 45 19.26 -17.97 -10.25
C ALA A 45 19.21 -16.55 -10.76
N ARG A 46 17.99 -16.03 -10.85
CA ARG A 46 17.75 -14.63 -11.07
C ARG A 46 17.66 -13.96 -9.70
N ARG A 47 18.78 -13.42 -9.22
CA ARG A 47 18.85 -12.87 -7.88
C ARG A 47 18.56 -11.39 -7.83
N LEU A 48 17.62 -11.03 -6.96
CA LEU A 48 17.29 -9.66 -6.63
C LEU A 48 17.62 -9.49 -5.14
N ARG A 49 18.34 -8.42 -4.81
CA ARG A 49 18.61 -8.11 -3.41
C ARG A 49 18.03 -6.75 -3.09
N LEU A 50 17.02 -6.74 -2.24
CA LEU A 50 16.36 -5.50 -1.83
C LEU A 50 17.11 -5.00 -0.60
N VAL A 51 17.90 -3.95 -0.80
CA VAL A 51 18.78 -3.48 0.26
CA VAL A 51 18.79 -3.44 0.23
C VAL A 51 18.09 -2.37 1.06
N ARG A 52 17.12 -1.68 0.44
CA ARG A 52 16.37 -0.61 1.11
C ARG A 52 15.00 -0.40 0.43
N GLY A 53 13.97 -0.19 1.24
CA GLY A 53 12.70 0.27 0.70
C GLY A 53 11.74 -0.82 0.27
N GLU A 54 11.17 -0.65 -0.91
CA GLU A 54 9.99 -1.42 -1.31
C GLU A 54 9.95 -1.57 -2.81
N LEU A 56 7.77 -3.87 -6.19
CA LEU A 56 6.73 -4.76 -6.72
C LEU A 56 7.28 -5.51 -7.92
N ILE A 57 7.14 -6.83 -7.92
CA ILE A 57 7.46 -7.65 -9.07
C ILE A 57 6.18 -7.96 -9.82
N THR A 58 6.13 -7.60 -11.10
CA THR A 58 5.00 -7.94 -11.99
CA THR A 58 5.00 -7.92 -11.98
C THR A 58 5.48 -8.56 -13.29
N ARG A 59 4.55 -9.20 -14.02
CA ARG A 59 4.83 -9.77 -15.31
C ARG A 59 6.06 -10.68 -15.26
N PRO A 60 6.12 -11.57 -14.26
CA PRO A 60 7.27 -12.46 -14.18
C PRO A 60 7.51 -13.22 -15.49
N ALA A 61 8.78 -13.38 -15.87
CA ALA A 61 9.06 -14.21 -17.05
C ALA A 61 8.51 -15.63 -16.87
N LEU A 62 7.76 -16.11 -17.87
CA LEU A 62 6.94 -17.32 -17.74
C LEU A 62 7.74 -18.59 -17.88
N ALA A 63 8.82 -18.51 -18.63
CA ALA A 63 9.64 -19.67 -18.94
C ALA A 63 11.13 -19.32 -18.93
N ASP A 64 11.61 -18.87 -17.78
CA ASP A 64 13.03 -18.88 -17.50
C ASP A 64 13.25 -20.12 -16.63
N SER A 65 14.29 -20.90 -16.93
CA SER A 65 14.58 -22.09 -16.15
C SER A 65 15.11 -21.80 -14.74
N ARG A 66 15.56 -20.58 -14.48
CA ARG A 66 16.14 -20.24 -13.18
C ARG A 66 15.05 -19.72 -12.26
N PRO A 67 15.10 -20.09 -10.97
CA PRO A 67 14.12 -19.46 -10.10
C PRO A 67 14.43 -17.97 -9.92
N LEU A 68 13.39 -17.22 -9.55
CA LEU A 68 13.54 -15.85 -9.13
CA LEU A 68 13.56 -15.85 -9.14
C LEU A 68 13.60 -15.79 -7.62
N TRP A 69 14.67 -15.21 -7.08
CA TRP A 69 14.92 -15.07 -5.65
C TRP A 69 14.95 -13.59 -5.32
N VAL A 70 14.16 -13.16 -4.35
CA VAL A 70 14.31 -11.83 -3.76
C VAL A 70 14.86 -12.04 -2.36
N ASP A 71 16.05 -11.51 -2.11
CA ASP A 71 16.63 -11.63 -0.77
C ASP A 71 16.63 -10.27 -0.09
N THR A 72 16.39 -10.32 1.22
CA THR A 72 16.68 -9.21 2.10
C THR A 72 17.56 -9.73 3.20
N GLU A 73 17.95 -8.85 4.11
CA GLU A 73 18.76 -9.28 5.23
CA GLU A 73 18.75 -9.26 5.24
C GLU A 73 18.03 -10.34 6.05
N HIS A 74 16.71 -10.38 5.95
CA HIS A 74 15.92 -11.31 6.77
C HIS A 74 15.69 -12.68 6.16
N GLY A 75 15.92 -12.80 4.86
CA GLY A 75 15.73 -14.08 4.21
C GLY A 75 15.39 -13.98 2.73
N ARG A 76 14.88 -15.08 2.19
CA ARG A 76 14.61 -15.21 0.77
C ARG A 76 13.13 -15.42 0.47
N LEU A 77 12.67 -14.80 -0.62
CA LEU A 77 11.36 -15.06 -1.20
C LEU A 77 11.58 -15.69 -2.56
N GLU A 78 11.15 -16.94 -2.72
CA GLU A 78 11.31 -17.65 -3.98
C GLU A 78 10.00 -17.68 -4.75
N SER A 79 10.03 -17.18 -5.98
CA SER A 79 8.78 -16.86 -6.69
C SER A 79 8.47 -17.93 -7.69
N THR A 80 7.21 -18.39 -7.65
CA THR A 80 6.66 -19.27 -8.67
C THR A 80 5.57 -18.52 -9.44
N LEU A 81 5.97 -17.84 -10.53
CA LEU A 81 4.99 -17.20 -11.39
C LEU A 81 4.23 -16.09 -10.67
N ALA A 82 4.82 -15.50 -9.66
CA ALA A 82 4.10 -14.63 -8.77
C ALA A 82 4.25 -13.18 -9.10
N GLN A 83 3.22 -12.45 -8.69
CA GLN A 83 3.28 -10.99 -8.65
CA GLN A 83 3.29 -11.01 -8.65
C GLN A 83 3.14 -10.63 -7.18
N PHE A 84 4.12 -9.92 -6.66
CA PHE A 84 4.21 -9.70 -5.22
C PHE A 84 5.03 -8.48 -4.89
N ASN A 85 4.67 -7.90 -3.75
CA ASN A 85 5.31 -6.73 -3.14
C ASN A 85 6.22 -7.17 -2.00
N VAL A 86 7.38 -6.52 -1.90
CA VAL A 86 8.32 -6.77 -0.80
C VAL A 86 8.71 -5.43 -0.20
N ARG A 87 8.55 -5.27 1.10
CA ARG A 87 8.96 -4.05 1.80
C ARG A 87 9.88 -4.39 2.93
N LEU A 88 11.01 -3.72 2.98
CA LEU A 88 11.96 -3.85 4.06
C LEU A 88 11.68 -2.82 5.14
N HIS A 89 11.37 -3.29 6.34
CA HIS A 89 11.29 -2.43 7.52
C HIS A 89 12.58 -2.51 8.30
N GLY A 90 12.65 -1.76 9.41
CA GLY A 90 13.86 -1.75 10.19
C GLY A 90 14.24 -3.12 10.70
N GLN A 91 13.26 -3.87 11.22
CA GLN A 91 13.56 -5.14 11.86
C GLN A 91 12.86 -6.35 11.23
N HIS A 92 12.21 -6.16 10.08
CA HIS A 92 11.57 -7.28 9.42
C HIS A 92 11.28 -6.93 7.96
N THR A 93 10.95 -7.97 7.19
CA THR A 93 10.54 -7.86 5.81
C THR A 93 9.07 -8.25 5.69
N GLN A 94 8.30 -7.52 4.87
CA GLN A 94 6.90 -7.88 4.64
CA GLN A 94 6.90 -7.89 4.65
C GLN A 94 6.67 -8.18 3.18
N ALA A 95 6.07 -9.34 2.93
CA ALA A 95 5.71 -9.74 1.56
C ALA A 95 4.20 -9.79 1.38
N THR A 96 3.71 -9.34 0.23
CA THR A 96 2.29 -9.39 -0.07
C THR A 96 2.15 -10.00 -1.46
N VAL A 97 1.35 -11.05 -1.57
CA VAL A 97 1.24 -11.78 -2.84
C VAL A 97 -0.11 -11.52 -3.47
N TYR A 98 -0.09 -11.14 -4.74
CA TYR A 98 -1.31 -10.80 -5.49
C TYR A 98 -1.70 -11.86 -6.53
N GLN A 99 -0.71 -12.52 -7.10
CA GLN A 99 -0.91 -13.56 -8.07
CA GLN A 99 -0.92 -13.59 -8.07
C GLN A 99 0.11 -14.67 -7.83
N GLY A 100 -0.27 -15.92 -8.07
CA GLY A 100 0.69 -17.02 -7.92
C GLY A 100 1.03 -17.27 -6.48
N SER A 101 2.25 -17.74 -6.24
CA SER A 101 2.66 -18.15 -4.90
CA SER A 101 2.66 -18.15 -4.90
C SER A 101 4.13 -17.86 -4.68
N VAL A 102 4.49 -17.57 -3.43
CA VAL A 102 5.88 -17.34 -3.09
CA VAL A 102 5.87 -17.31 -3.07
C VAL A 102 6.22 -18.19 -1.88
N ALA A 103 7.44 -18.71 -1.88
CA ALA A 103 7.98 -19.47 -0.75
C ALA A 103 8.96 -18.61 0.07
N LEU A 104 8.60 -18.39 1.33
CA LEU A 104 9.39 -17.62 2.28
CA LEU A 104 9.39 -17.61 2.25
C LEU A 104 10.39 -18.51 2.99
N GLN A 105 11.65 -18.08 3.01
CA GLN A 105 12.74 -18.83 3.63
C GLN A 105 13.52 -17.89 4.56
N PRO A 106 13.08 -17.77 5.82
CA PRO A 106 13.82 -16.94 6.79
C PRO A 106 15.27 -17.37 6.90
N ALA A 107 16.16 -16.38 7.01
CA ALA A 107 17.56 -16.66 6.92
C ALA A 107 18.04 -17.73 7.89
N LEU A 108 17.55 -17.75 9.14
CA LEU A 108 18.02 -18.72 10.14
CA LEU A 108 18.02 -18.72 10.13
C LEU A 108 17.09 -19.91 10.30
N HIS A 109 16.10 -20.03 9.42
CA HIS A 109 15.16 -21.15 9.51
C HIS A 109 14.51 -21.31 8.13
N ALA A 110 15.36 -21.63 7.15
CA ALA A 110 14.93 -21.58 5.74
C ALA A 110 14.05 -22.73 5.33
N TYR A 111 14.21 -23.86 6.02
CA TYR A 111 13.41 -25.05 5.76
C TYR A 111 12.69 -25.44 7.05
N PRO A 112 11.37 -25.71 6.98
CA PRO A 112 10.51 -25.72 5.80
C PRO A 112 10.15 -24.32 5.34
N PRO A 113 10.02 -24.14 4.02
CA PRO A 113 9.56 -22.82 3.57
C PRO A 113 8.14 -22.56 4.02
N ILE A 114 7.79 -21.29 4.11
CA ILE A 114 6.43 -20.87 4.39
C ILE A 114 5.80 -20.45 3.08
N LEU A 115 4.72 -21.13 2.68
CA LEU A 115 4.11 -20.87 1.38
CA LEU A 115 4.10 -20.87 1.39
C LEU A 115 3.05 -19.78 1.52
N LEU A 116 3.22 -18.73 0.73
CA LEU A 116 2.28 -17.63 0.66
CA LEU A 116 2.28 -17.63 0.67
C LEU A 116 1.56 -17.64 -0.68
N GLY A 117 0.24 -17.73 -0.66
CA GLY A 117 -0.54 -17.68 -1.87
C GLY A 117 -1.12 -16.29 -2.08
N ALA A 118 -1.81 -16.10 -3.19
CA ALA A 118 -2.36 -14.81 -3.51
C ALA A 118 -3.37 -14.39 -2.47
N GLY A 119 -3.39 -13.10 -2.17
CA GLY A 119 -4.30 -12.56 -1.18
C GLY A 119 -3.77 -12.77 0.24
N GLU A 120 -2.47 -13.10 0.34
CA GLU A 120 -1.83 -13.26 1.64
C GLU A 120 -0.66 -12.30 1.82
N GLN A 121 -0.50 -11.85 3.05
CA GLN A 121 0.57 -10.96 3.47
C GLN A 121 1.26 -11.54 4.69
N ALA A 122 2.58 -11.46 4.72
CA ALA A 122 3.34 -11.96 5.89
C ALA A 122 4.57 -11.12 6.17
N SER A 123 4.87 -10.97 7.46
CA SER A 123 6.08 -10.32 7.92
C SER A 123 6.96 -11.37 8.55
N PHE A 124 8.27 -11.25 8.33
CA PHE A 124 9.24 -12.16 8.92
C PHE A 124 10.56 -11.45 9.19
N ASN A 125 11.30 -11.99 10.16
CA ASN A 125 12.68 -11.58 10.35
C ASN A 125 13.56 -12.81 10.12
N GLN A 126 14.84 -12.66 10.47
CA GLN A 126 15.80 -13.74 10.27
CA GLN A 126 15.81 -13.73 10.27
C GLN A 126 15.39 -15.02 10.99
N GLN A 127 14.71 -14.91 12.13
CA GLN A 127 14.39 -16.12 12.88
CA GLN A 127 14.40 -16.10 12.88
C GLN A 127 13.09 -16.78 12.42
N GLY A 128 12.16 -16.01 11.85
CA GLY A 128 10.96 -16.61 11.27
C GLY A 128 9.76 -15.68 11.09
N LEU A 129 8.56 -16.26 10.95
CA LEU A 129 7.32 -15.50 10.79
CA LEU A 129 7.31 -15.50 10.81
C LEU A 129 6.99 -14.62 12.00
N LEU A 130 6.51 -13.41 11.74
CA LEU A 130 6.08 -12.49 12.81
C LEU A 130 4.59 -12.26 12.77
N ALA A 131 4.02 -12.21 11.57
CA ALA A 131 2.61 -12.02 11.41
C ALA A 131 2.19 -12.43 10.01
N ARG A 132 0.92 -12.76 9.88
CA ARG A 132 0.37 -13.14 8.60
CA ARG A 132 0.37 -13.10 8.58
C ARG A 132 -1.13 -12.89 8.58
N GLN A 133 -1.61 -12.40 7.45
CA GLN A 133 -3.03 -12.12 7.29
C GLN A 133 -3.45 -12.08 5.83
N ALA A 134 -4.76 -12.09 5.63
CA ALA A 134 -5.35 -11.95 4.31
C ALA A 134 -5.45 -10.48 3.90
N VAL A 135 -5.33 -10.24 2.61
CA VAL A 135 -5.54 -8.91 2.02
C VAL A 135 -6.40 -9.08 0.77
N ALA A 136 -7.19 -8.06 0.47
CA ALA A 136 -8.08 -8.10 -0.68
C ALA A 136 -7.51 -7.30 -1.84
N ALA A 137 -6.50 -6.49 -1.61
CA ALA A 137 -5.89 -5.73 -2.68
C ALA A 137 -5.40 -6.64 -3.81
N VAL A 138 -5.53 -6.17 -5.05
CA VAL A 138 -5.02 -6.93 -6.19
C VAL A 138 -3.68 -6.37 -6.73
N ALA A 139 -3.21 -5.27 -6.14
CA ALA A 139 -1.92 -4.65 -6.38
C ALA A 139 -1.66 -3.69 -5.23
N PRO A 140 -0.39 -3.36 -4.97
CA PRO A 140 -0.17 -2.36 -3.92
C PRO A 140 -0.62 -0.97 -4.35
N ALA A 141 -1.24 -0.24 -3.43
CA ALA A 141 -1.77 1.06 -3.76
C ALA A 141 -0.69 2.01 -4.28
N TRP A 142 0.51 1.95 -3.68
CA TRP A 142 1.59 2.88 -4.07
C TRP A 142 1.95 2.74 -5.55
N SER A 143 1.81 1.55 -6.11
CA SER A 143 2.19 1.29 -7.47
C SER A 143 1.25 1.94 -8.47
N GLN A 144 0.07 2.37 -7.99
CA GLN A 144 -0.86 3.14 -8.78
C GLN A 144 -0.93 4.58 -8.29
N GLY A 145 0.07 5.01 -7.53
CA GLY A 145 0.17 6.39 -7.13
C GLY A 145 -0.70 6.80 -5.96
N LEU A 147 -2.02 6.12 -1.61
CA LEU A 147 -2.04 5.53 -0.27
C LEU A 147 -3.49 5.17 0.04
N VAL A 148 -3.73 4.02 0.66
CA VAL A 148 -5.08 3.58 1.00
C VAL A 148 -5.06 3.21 2.46
N ALA A 149 -5.96 3.80 3.24
CA ALA A 149 -6.02 3.52 4.66
C ALA A 149 -7.42 3.01 5.00
N GLN A 150 -7.45 1.92 5.75
CA GLN A 150 -8.68 1.25 6.16
C GLN A 150 -8.66 1.12 7.67
N GLY A 151 -9.02 2.20 8.34
CA GLY A 151 -8.96 2.27 9.77
C GLY A 151 -7.57 2.09 10.35
N GLN A 152 -6.58 2.64 9.65
CA GLN A 152 -5.19 2.52 10.06
C GLN A 152 -4.87 3.50 11.19
N PRO A 153 -4.21 3.01 12.26
CA PRO A 153 -3.86 3.96 13.33
C PRO A 153 -3.00 5.09 12.78
N LEU A 154 -3.27 6.29 13.28
CA LEU A 154 -2.66 7.51 12.78
C LEU A 154 -1.14 7.43 12.83
N ALA A 155 -0.58 6.93 13.92
CA ALA A 155 0.88 6.88 14.01
C ALA A 155 1.46 6.04 12.86
N ALA A 156 0.81 4.94 12.51
CA ALA A 156 1.29 4.07 11.44
C ALA A 156 1.06 4.69 10.05
N PHE A 157 -0.09 5.32 9.89
CA PHE A 157 -0.36 6.05 8.66
C PHE A 157 0.71 7.10 8.38
N ILE A 158 1.02 7.91 9.39
CA ILE A 158 1.99 8.98 9.15
CA ILE A 158 2.03 8.95 9.23
C ILE A 158 3.43 8.42 9.00
N GLU A 159 3.75 7.29 9.64
CA GLU A 159 5.04 6.62 9.42
C GLU A 159 5.15 6.27 7.91
N ASP A 160 4.06 5.77 7.34
CA ASP A 160 4.10 5.38 5.94
C ASP A 160 4.23 6.62 5.03
N LEU A 161 3.40 7.62 5.28
CA LEU A 161 3.44 8.84 4.49
C LEU A 161 4.80 9.55 4.53
N ALA A 162 5.45 9.51 5.68
CA ALA A 162 6.74 10.20 5.83
C ALA A 162 7.83 9.63 4.92
N ARG A 163 7.66 8.38 4.48
CA ARG A 163 8.62 7.77 3.56
CA ARG A 163 8.62 7.76 3.56
C ARG A 163 8.71 8.52 2.24
N TYR A 164 7.66 9.25 1.91
CA TYR A 164 7.54 9.96 0.65
C TYR A 164 8.01 11.41 0.71
N ARG A 165 8.42 11.82 1.90
CA ARG A 165 8.75 13.22 2.20
C ARG A 165 10.12 13.36 2.80
N ARG A 166 10.75 14.52 2.61
CA ARG A 166 12.02 14.81 3.24
C ARG A 166 11.93 15.01 4.75
N GLY A 167 10.89 15.69 5.21
CA GLY A 167 10.85 16.12 6.60
C GLY A 167 10.29 15.08 7.54
N HIS A 168 10.20 15.48 8.79
CA HIS A 168 9.64 14.67 9.85
C HIS A 168 8.14 14.93 9.99
N LEU A 169 7.37 13.85 10.13
CA LEU A 169 5.93 13.96 10.34
C LEU A 169 5.60 13.13 11.57
N ALA A 170 4.88 13.72 12.52
CA ALA A 170 4.52 13.03 13.75
C ALA A 170 3.17 13.46 14.22
N CYS A 171 2.65 12.73 15.21
CA CYS A 171 1.44 13.16 15.90
C CYS A 171 1.64 13.09 17.39
N ASP A 172 0.89 13.90 18.11
CA ASP A 172 0.93 13.84 19.55
CA ASP A 172 0.92 13.84 19.55
C ASP A 172 0.50 12.45 20.00
N PRO A 173 1.11 11.92 21.07
CA PRO A 173 0.80 10.56 21.56
C PRO A 173 -0.67 10.34 21.88
N ALA A 174 -1.40 11.40 22.22
CA ALA A 174 -2.84 11.29 22.49
C ALA A 174 -3.64 10.86 21.26
N LEU A 175 -3.02 11.00 20.10
CA LEU A 175 -3.67 10.80 18.80
C LEU A 175 -3.23 9.50 18.13
N ALA A 176 -2.32 8.78 18.76
CA ALA A 176 -1.58 7.72 18.07
C ALA A 176 -2.45 6.63 17.49
N GLY A 177 -3.55 6.31 18.19
CA GLY A 177 -4.44 5.26 17.73
C GLY A 177 -5.67 5.68 16.97
N LEU A 178 -5.80 6.97 16.69
CA LEU A 178 -6.95 7.45 15.93
C LEU A 178 -6.94 6.77 14.58
N ARG A 179 -8.12 6.33 14.15
CA ARG A 179 -8.18 5.57 12.91
C ARG A 179 -8.35 6.48 11.70
N VAL A 180 -7.52 6.20 10.69
CA VAL A 180 -7.53 6.89 9.43
C VAL A 180 -8.17 6.01 8.35
N SER A 181 -9.15 6.56 7.64
CA SER A 181 -9.74 5.90 6.50
C SER A 181 -9.77 6.85 5.29
N GLY A 182 -9.39 6.31 4.15
CA GLY A 182 -9.50 7.04 2.90
C GLY A 182 -8.54 6.56 1.85
N THR A 183 -8.56 7.29 0.74
CA THR A 183 -7.64 7.06 -0.38
C THR A 183 -6.99 8.40 -0.71
N PHE A 184 -5.69 8.35 -1.00
CA PHE A 184 -4.86 9.56 -1.02
C PHE A 184 -3.87 9.52 -2.18
N PRO A 185 -4.08 10.36 -3.21
CA PRO A 185 -3.09 10.45 -4.28
C PRO A 185 -1.75 10.94 -3.75
N LEU A 186 -0.69 10.23 -4.14
CA LEU A 186 0.64 10.58 -3.68
C LEU A 186 1.21 11.84 -4.35
N GLU A 187 0.55 12.35 -5.39
CA GLU A 187 1.03 13.53 -6.15
C GLU A 187 1.19 14.78 -5.29
N ASN A 188 0.44 14.88 -4.20
CA ASN A 188 0.53 16.05 -3.33
C ASN A 188 0.36 15.63 -1.89
N THR A 189 1.47 15.46 -1.19
CA THR A 189 1.39 14.95 0.16
C THR A 189 0.92 16.03 1.15
N ASP A 190 1.12 17.31 0.85
CA ASP A 190 0.56 18.35 1.71
C ASP A 190 -0.97 18.25 1.75
N LYS A 191 -1.58 17.95 0.61
CA LYS A 191 -3.05 17.78 0.61
C LYS A 191 -3.50 16.59 1.45
N ILE A 192 -2.70 15.54 1.50
CA ILE A 192 -3.02 14.38 2.31
C ILE A 192 -3.05 14.80 3.78
N ILE A 193 -1.99 15.47 4.23
CA ILE A 193 -1.92 15.92 5.62
C ILE A 193 -3.12 16.81 5.96
N ALA A 194 -3.42 17.77 5.09
CA ALA A 194 -4.49 18.70 5.36
C ALA A 194 -5.82 17.98 5.44
N ALA A 195 -6.06 17.02 4.55
CA ALA A 195 -7.33 16.31 4.51
C ALA A 195 -7.51 15.43 5.76
N VAL A 196 -6.46 14.70 6.15
CA VAL A 196 -6.55 13.84 7.31
C VAL A 196 -6.74 14.70 8.58
N ALA A 197 -6.01 15.82 8.67
CA ALA A 197 -6.17 16.67 9.83
C ALA A 197 -7.58 17.24 9.94
N GLU A 198 -8.16 17.64 8.81
CA GLU A 198 -9.53 18.13 8.80
C GLU A 198 -10.53 17.04 9.21
N THR A 199 -10.38 15.84 8.66
CA THR A 199 -11.29 14.76 9.00
C THR A 199 -11.20 14.41 10.49
N LEU A 200 -10.00 14.36 11.04
CA LEU A 200 -9.82 13.99 12.43
C LEU A 200 -9.91 15.17 13.39
N GLN A 201 -10.18 16.36 12.85
CA GLN A 201 -10.39 17.57 13.65
C GLN A 201 -9.15 17.87 14.45
N LEU A 202 -8.02 17.90 13.76
CA LEU A 202 -6.72 18.11 14.35
C LEU A 202 -6.11 19.43 13.87
N GLU A 203 -5.11 19.91 14.61
CA GLU A 203 -4.33 21.08 14.21
C GLU A 203 -3.01 20.57 13.64
N VAL A 204 -2.51 21.28 12.63
CA VAL A 204 -1.26 20.94 11.96
C VAL A 204 -0.25 21.99 12.39
N GLN A 205 0.70 21.58 13.23
CA GLN A 205 1.78 22.45 13.69
C GLN A 205 2.95 22.35 12.74
N HIS A 206 3.34 23.47 12.15
CA HIS A 206 4.35 23.45 11.11
C HIS A 206 5.24 24.67 11.22
N PHE A 207 6.08 24.67 12.27
CA PHE A 207 6.78 25.89 12.64
C PHE A 207 8.12 26.05 11.94
N THR A 208 8.62 24.92 11.47
CA THR A 208 9.83 24.84 10.67
CA THR A 208 9.83 24.85 10.65
C THR A 208 9.54 23.90 9.51
N ARG A 209 10.20 24.09 8.37
CA ARG A 209 9.76 23.37 7.17
C ARG A 209 9.73 21.86 7.28
N TYR A 210 10.71 21.31 7.97
CA TYR A 210 10.87 19.87 7.98
C TYR A 210 10.45 19.22 9.28
N TRP A 211 9.57 19.90 10.03
CA TRP A 211 9.01 19.27 11.23
C TRP A 211 7.53 19.62 11.31
N VAL A 212 6.68 18.59 11.11
CA VAL A 212 5.22 18.75 11.16
CA VAL A 212 5.23 18.78 11.19
C VAL A 212 4.65 17.84 12.22
N THR A 213 3.80 18.38 13.08
CA THR A 213 3.19 17.62 14.16
C THR A 213 1.69 17.83 14.14
N LEU A 214 0.95 16.73 14.16
CA LEU A 214 -0.49 16.78 14.28
CA LEU A 214 -0.49 16.77 14.29
C LEU A 214 -0.84 16.81 15.76
N LYS A 215 -1.73 17.72 16.13
CA LYS A 215 -2.05 18.04 17.52
C LYS A 215 -3.55 18.08 17.73
N PRO A 216 -4.02 17.80 18.96
CA PRO A 216 -5.41 18.08 19.34
C PRO A 216 -5.83 19.54 19.07
N ARG A 217 -7.05 19.77 18.61
CA ARG A 217 -7.54 21.15 18.49
C ARG A 217 -8.00 21.69 19.83
N ALA B 3 -16.01 14.29 -14.58
CA ALA B 3 -14.97 13.27 -14.44
C ALA B 3 -15.63 11.90 -14.25
N GLN B 4 -15.24 10.92 -15.05
CA GLN B 4 -15.86 9.61 -14.96
CA GLN B 4 -15.85 9.60 -15.00
C GLN B 4 -14.82 8.50 -14.84
N ALA B 5 -15.29 7.33 -14.40
CA ALA B 5 -14.43 6.18 -14.25
C ALA B 5 -15.22 4.92 -14.47
N ASP B 6 -14.51 3.84 -14.78
CA ASP B 6 -15.10 2.53 -14.91
C ASP B 6 -14.99 1.84 -13.56
N PHE B 7 -16.10 1.30 -13.08
CA PHE B 7 -16.14 0.66 -11.77
C PHE B 7 -16.58 -0.78 -11.88
N ASP B 8 -16.00 -1.64 -11.06
CA ASP B 8 -16.49 -3.01 -10.93
C ASP B 8 -16.32 -3.43 -9.47
N ILE B 9 -17.25 -2.97 -8.65
CA ILE B 9 -17.17 -3.10 -7.20
C ILE B 9 -18.30 -4.00 -6.75
N PRO B 10 -17.96 -5.20 -6.26
CA PRO B 10 -19.03 -6.11 -5.85
C PRO B 10 -19.75 -5.64 -4.61
N ALA B 11 -20.96 -6.15 -4.42
CA ALA B 11 -21.65 -5.98 -3.15
C ALA B 11 -20.77 -6.52 -2.02
N GLY B 12 -20.89 -5.91 -0.85
CA GLY B 12 -20.15 -6.35 0.32
C GLY B 12 -20.10 -5.25 1.35
N PRO B 13 -19.28 -5.44 2.40
CA PRO B 13 -19.08 -4.40 3.40
C PRO B 13 -18.66 -3.07 2.78
N LEU B 14 -19.12 -1.98 3.36
CA LEU B 14 -18.92 -0.67 2.77
C LEU B 14 -17.46 -0.22 2.82
N ALA B 15 -16.80 -0.49 3.94
CA ALA B 15 -15.46 0.09 4.13
C ALA B 15 -14.49 -0.40 3.02
N PRO B 16 -14.43 -1.71 2.75
CA PRO B 16 -13.51 -2.12 1.68
C PRO B 16 -13.99 -1.66 0.32
N ALA B 17 -15.30 -1.56 0.13
CA ALA B 17 -15.81 -1.04 -1.14
C ALA B 17 -15.37 0.42 -1.40
N LEU B 18 -15.28 1.21 -0.34
CA LEU B 18 -14.85 2.60 -0.50
C LEU B 18 -13.35 2.69 -0.77
N ALA B 19 -12.55 1.79 -0.19
CA ALA B 19 -11.13 1.69 -0.53
C ALA B 19 -11.00 1.42 -2.03
N HIS B 20 -11.81 0.49 -2.52
CA HIS B 20 -11.80 0.13 -3.93
C HIS B 20 -12.24 1.32 -4.78
N PHE B 21 -13.35 1.96 -4.39
CA PHE B 21 -13.86 3.12 -5.11
C PHE B 21 -12.84 4.23 -5.27
N GLY B 22 -12.21 4.64 -4.17
CA GLY B 22 -11.29 5.77 -4.23
C GLY B 22 -10.07 5.47 -5.10
N GLN B 23 -9.64 4.22 -5.10
CA GLN B 23 -8.58 3.77 -5.98
C GLN B 23 -9.01 3.77 -7.46
N SER B 24 -10.20 3.24 -7.76
CA SER B 24 -10.69 3.24 -9.13
C SER B 24 -10.90 4.67 -9.69
N ALA B 25 -11.35 5.57 -8.83
CA ALA B 25 -11.61 6.97 -9.23
C ALA B 25 -10.34 7.83 -9.13
N HIS B 26 -9.31 7.33 -8.46
CA HIS B 26 -8.08 8.08 -8.20
C HIS B 26 -8.34 9.45 -7.57
N ILE B 27 -9.05 9.43 -6.45
CA ILE B 27 -9.46 10.64 -5.76
C ILE B 27 -8.92 10.67 -4.35
N LEU B 28 -8.86 11.88 -3.80
CA LEU B 28 -8.63 12.08 -2.39
C LEU B 28 -9.95 12.01 -1.68
N LEU B 29 -10.15 10.89 -0.98
CA LEU B 29 -11.37 10.63 -0.25
C LEU B 29 -10.98 10.39 1.21
N SER B 30 -11.56 11.15 2.13
CA SER B 30 -11.16 11.13 3.53
C SER B 30 -12.40 11.32 4.38
N TYR B 31 -12.62 10.42 5.33
CA TYR B 31 -13.85 10.47 6.14
C TYR B 31 -13.62 9.70 7.45
N PRO B 32 -14.46 9.89 8.47
CA PRO B 32 -14.23 9.21 9.74
C PRO B 32 -14.49 7.70 9.66
N THR B 33 -13.55 6.91 10.18
CA THR B 33 -13.63 5.44 10.15
C THR B 33 -14.95 4.94 10.75
N ALA B 34 -15.37 5.55 11.85
CA ALA B 34 -16.58 5.09 12.54
C ALA B 34 -17.84 5.23 11.69
N LEU B 35 -17.86 6.23 10.82
CA LEU B 35 -19.01 6.50 9.98
C LEU B 35 -19.34 5.33 9.05
N THR B 36 -18.34 4.59 8.58
CA THR B 36 -18.56 3.56 7.56
C THR B 36 -18.44 2.12 8.08
N GLU B 37 -18.01 1.97 9.33
CA GLU B 37 -17.85 0.66 9.96
C GLU B 37 -19.19 -0.06 10.00
N GLY B 38 -19.22 -1.34 9.65
CA GLY B 38 -20.43 -2.12 9.80
C GLY B 38 -21.60 -1.61 8.97
N ARG B 39 -21.31 -1.27 7.72
CA ARG B 39 -22.34 -0.96 6.74
C ARG B 39 -22.09 -1.79 5.50
N SER B 40 -23.04 -1.76 4.59
CA SER B 40 -22.97 -2.58 3.39
CA SER B 40 -22.97 -2.58 3.38
C SER B 40 -23.37 -1.79 2.16
N THR B 41 -22.87 -2.24 1.01
CA THR B 41 -23.25 -1.66 -0.26
C THR B 41 -23.71 -2.77 -1.20
N SER B 42 -24.58 -2.40 -2.13
CA SER B 42 -24.94 -3.28 -3.22
C SER B 42 -23.90 -3.28 -4.32
N GLY B 43 -22.94 -2.37 -4.22
CA GLY B 43 -21.81 -2.33 -5.12
C GLY B 43 -22.02 -1.31 -6.22
N LEU B 44 -21.15 -1.35 -7.21
CA LEU B 44 -21.16 -0.36 -8.30
C LEU B 44 -20.47 -0.98 -9.50
N ALA B 45 -21.23 -1.22 -10.55
CA ALA B 45 -20.66 -1.86 -11.75
C ALA B 45 -21.11 -1.06 -12.96
N GLY B 46 -20.14 -0.44 -13.64
CA GLY B 46 -20.43 0.34 -14.84
C GLY B 46 -19.58 1.58 -14.89
N ARG B 47 -19.78 2.36 -15.95
CA ARG B 47 -19.16 3.67 -16.10
C ARG B 47 -20.05 4.77 -15.56
N PHE B 48 -19.48 5.59 -14.67
CA PHE B 48 -20.23 6.68 -14.03
C PHE B 48 -19.36 7.92 -13.79
N ASP B 49 -20.00 9.10 -13.86
CA ASP B 49 -19.45 10.29 -13.21
C ASP B 49 -19.05 9.92 -11.79
N ILE B 50 -17.92 10.41 -11.29
CA ILE B 50 -17.47 9.99 -9.96
CA ILE B 50 -17.46 9.99 -9.97
C ILE B 50 -18.48 10.34 -8.88
N ASP B 51 -19.04 11.55 -8.92
CA ASP B 51 -20.05 11.95 -7.94
CA ASP B 51 -20.04 11.95 -7.92
C ASP B 51 -21.27 11.04 -7.96
N GLN B 52 -21.78 10.73 -9.16
CA GLN B 52 -22.96 9.86 -9.29
C GLN B 52 -22.63 8.43 -8.83
N GLY B 53 -21.43 7.97 -9.15
CA GLY B 53 -21.01 6.64 -8.78
C GLY B 53 -20.95 6.48 -7.27
N LEU B 54 -20.40 7.49 -6.61
CA LEU B 54 -20.28 7.48 -5.17
C LEU B 54 -21.67 7.46 -4.53
N ALA B 55 -22.59 8.29 -5.03
CA ALA B 55 -23.96 8.26 -4.55
C ALA B 55 -24.62 6.89 -4.71
N ILE B 56 -24.41 6.23 -5.86
CA ILE B 56 -24.95 4.88 -6.08
C ILE B 56 -24.34 3.88 -5.10
N LEU B 57 -23.03 3.93 -4.90
CA LEU B 57 -22.37 3.03 -3.97
C LEU B 57 -22.96 3.18 -2.58
N LEU B 58 -23.31 4.42 -2.23
CA LEU B 58 -23.81 4.70 -0.89
C LEU B 58 -25.31 4.49 -0.70
N ALA B 59 -26.02 4.06 -1.75
CA ALA B 59 -27.45 3.81 -1.62
C ALA B 59 -27.71 2.87 -0.47
N GLY B 60 -28.66 3.24 0.38
CA GLY B 60 -29.09 2.37 1.45
C GLY B 60 -28.24 2.46 2.71
N THR B 61 -27.12 3.18 2.63
CA THR B 61 -26.19 3.19 3.76
C THR B 61 -26.52 4.20 4.85
N GLY B 62 -27.35 5.20 4.53
CA GLY B 62 -27.55 6.33 5.43
C GLY B 62 -26.49 7.42 5.33
N LEU B 63 -25.60 7.30 4.35
CA LEU B 63 -24.53 8.27 4.10
C LEU B 63 -24.61 8.91 2.72
N GLU B 64 -24.07 10.12 2.60
CA GLU B 64 -23.93 10.84 1.33
C GLU B 64 -22.52 11.39 1.15
N ALA B 65 -22.13 11.63 -0.10
CA ALA B 65 -20.85 12.27 -0.42
C ALA B 65 -20.86 13.75 -0.05
N SER B 66 -19.68 14.27 0.31
CA SER B 66 -19.50 15.67 0.63
C SER B 66 -18.22 16.20 -0.04
N ARG B 67 -18.24 17.45 -0.46
CA ARG B 67 -17.08 18.10 -1.02
C ARG B 67 -17.11 19.56 -0.59
N GLY B 68 -15.95 20.21 -0.67
CA GLY B 68 -15.85 21.63 -0.36
C GLY B 68 -15.01 22.35 -1.39
N ALA B 69 -14.25 23.35 -0.94
CA ALA B 69 -13.50 24.22 -1.84
C ALA B 69 -12.28 23.54 -2.51
N ASN B 70 -11.68 22.55 -1.85
CA ASN B 70 -10.57 21.81 -2.45
C ASN B 70 -11.10 20.54 -3.11
N ALA B 71 -10.26 19.90 -3.92
CA ALA B 71 -10.72 18.81 -4.76
C ALA B 71 -11.18 17.58 -3.98
N SER B 72 -11.02 17.60 -2.67
CA SER B 72 -11.21 16.38 -1.86
C SER B 72 -12.67 16.00 -1.66
N TYR B 73 -12.89 14.71 -1.44
CA TYR B 73 -14.19 14.16 -1.11
C TYR B 73 -14.20 13.68 0.34
N SER B 74 -15.34 13.87 1.00
CA SER B 74 -15.64 13.28 2.29
C SER B 74 -17.01 12.57 2.27
N LEU B 75 -17.41 12.05 3.42
CA LEU B 75 -18.73 11.43 3.59
C LEU B 75 -19.38 12.01 4.81
N GLN B 76 -20.72 12.02 4.80
CA GLN B 76 -21.45 12.47 5.97
C GLN B 76 -22.80 11.75 6.01
N ALA B 77 -23.39 11.71 7.20
CA ALA B 77 -24.75 11.18 7.32
C ALA B 77 -25.68 11.94 6.36
N SER B 78 -26.57 11.22 5.69
CA SER B 78 -27.54 11.82 4.76
C SER B 78 -28.23 13.02 5.33
N ALA B 79 -28.31 14.07 4.52
CA ALA B 79 -28.88 15.34 4.95
C ALA B 79 -30.37 15.18 5.21
N SER B 80 -30.85 15.81 6.28
CA SER B 80 -32.28 15.92 6.47
C SER B 80 -32.92 16.69 5.32
N THR B 81 -34.18 16.41 5.05
CA THR B 81 -34.88 16.94 3.88
C THR B 81 -36.04 17.85 4.27
N GLY B 82 -36.20 18.06 5.58
N GLY B 82 -36.19 18.04 5.58
CA GLY B 82 -37.30 18.86 6.09
CA GLY B 82 -37.25 18.87 6.12
C GLY B 82 -37.08 19.33 7.52
C GLY B 82 -36.96 18.99 7.60
#